data_8JI3
#
_entry.id   8JI3
#
_cell.length_a   65.497
_cell.length_b   65.497
_cell.length_c   117.118
_cell.angle_alpha   90.00
_cell.angle_beta   90.00
_cell.angle_gamma   90.00
#
_symmetry.space_group_name_H-M   'P 41'
#
loop_
_entity.id
_entity.type
_entity.pdbx_description
1 polymer AetD
2 non-polymer 'FE (II) ION'
3 non-polymer '(2S)-2-azanyl-3-[5,7-bis(bromanyl)-1H-indol-3-yl]propanoic acid'
4 non-polymer 'NICKEL (II) ION'
5 water water
#
_entity_poly.entity_id   1
_entity_poly.type   'polypeptide(L)'
_entity_poly.pdbx_seq_one_letter_code
;AGAGAGAGAGMKAILQLILEKRQEFEKLPCFEFVRDETISPEERLILYPCIAAFALNFRDLNRYDYRDDNSSDYYQKIIN
IHTQEDAKHWEWFLNDLELLGFDKTMRFSEALRFVWSDDLLHTRRLCHNIAVLSHDLEPVMKMVVIEAMETAGLVIFHAL
AKPGESIAKATRRKYLYVADSHVEVETGHAVGTENIITILEQTQLSSEQEEKAKEIVNKVFQWSTNLIGEFERYVKAHRS
EKAQPTAAY
;
_entity_poly.pdbx_strand_id   A,B
#
loop_
_chem_comp.id
_chem_comp.type
_chem_comp.name
_chem_comp.formula
67I non-polymer '(2S)-2-azanyl-3-[5,7-bis(bromanyl)-1H-indol-3-yl]propanoic acid' 'C11 H10 Br2 N2 O2'
FE2 non-polymer 'FE (II) ION' 'Fe 2'
NI non-polymer 'NICKEL (II) ION' 'Ni 2'
#
# COMPACT_ATOMS: atom_id res chain seq x y z
N GLY A 10 -21.72 -19.99 20.47
CA GLY A 10 -20.22 -19.85 20.41
C GLY A 10 -19.76 -19.17 19.12
N MET A 11 -20.11 -19.75 17.98
CA MET A 11 -19.94 -19.17 16.61
C MET A 11 -21.22 -18.43 16.20
N LYS A 12 -22.38 -18.90 16.68
CA LYS A 12 -23.68 -18.19 16.53
C LYS A 12 -23.49 -16.76 17.04
N ALA A 13 -22.78 -16.62 18.16
CA ALA A 13 -22.43 -15.33 18.81
C ALA A 13 -21.70 -14.42 17.81
N ILE A 14 -20.85 -15.00 16.96
CA ILE A 14 -19.94 -14.27 16.04
C ILE A 14 -20.77 -13.72 14.87
N LEU A 15 -21.46 -14.62 14.15
CA LEU A 15 -22.33 -14.28 12.99
C LEU A 15 -23.35 -13.23 13.44
N GLN A 16 -23.66 -13.24 14.73
CA GLN A 16 -24.64 -12.33 15.36
C GLN A 16 -23.96 -10.99 15.65
N LEU A 17 -22.72 -11.00 16.15
CA LEU A 17 -21.96 -9.74 16.40
C LEU A 17 -21.81 -8.98 15.07
N ILE A 18 -21.63 -9.68 13.96
CA ILE A 18 -21.47 -9.08 12.60
C ILE A 18 -22.79 -8.38 12.23
N LEU A 19 -23.93 -9.04 12.40
CA LEU A 19 -25.26 -8.45 12.07
C LEU A 19 -25.48 -7.21 12.95
N GLU A 20 -25.16 -7.28 14.25
CA GLU A 20 -25.24 -6.08 15.13
C GLU A 20 -24.35 -4.98 14.51
N LYS A 21 -23.07 -5.29 14.25
CA LYS A 21 -22.09 -4.33 13.69
C LYS A 21 -22.61 -3.76 12.37
N ARG A 22 -23.11 -4.59 11.45
CA ARG A 22 -23.69 -4.12 10.16
C ARG A 22 -24.79 -3.09 10.45
N GLN A 23 -25.64 -3.32 11.44
CA GLN A 23 -26.83 -2.44 11.64
C GLN A 23 -26.35 -1.09 12.19
N GLU A 24 -25.33 -1.06 13.03
CA GLU A 24 -24.68 0.19 13.47
C GLU A 24 -24.05 0.90 12.25
N PHE A 25 -23.27 0.16 11.45
CA PHE A 25 -22.51 0.68 10.28
C PHE A 25 -23.44 1.35 9.28
N GLU A 26 -24.60 0.72 8.99
CA GLU A 26 -25.65 1.17 8.05
C GLU A 26 -26.17 2.57 8.39
N LYS A 27 -26.12 2.95 9.66
CA LYS A 27 -26.68 4.23 10.18
C LYS A 27 -25.67 5.38 10.09
N LEU A 28 -24.43 5.17 9.63
CA LEU A 28 -23.44 6.28 9.65
C LEU A 28 -23.91 7.42 8.74
N PRO A 29 -23.62 8.67 9.17
CA PRO A 29 -24.04 9.86 8.43
C PRO A 29 -23.69 9.81 6.94
N CYS A 30 -22.51 9.32 6.57
CA CYS A 30 -22.11 9.26 5.15
C CYS A 30 -23.19 8.51 4.34
N PHE A 31 -23.76 7.45 4.90
CA PHE A 31 -24.71 6.60 4.14
C PHE A 31 -26.06 7.33 4.03
N GLU A 32 -26.45 8.07 5.06
CA GLU A 32 -27.68 8.91 5.05
C GLU A 32 -27.54 9.90 3.90
N PHE A 33 -26.33 10.44 3.71
CA PHE A 33 -26.05 11.42 2.64
C PHE A 33 -26.13 10.73 1.26
N VAL A 34 -25.41 9.64 1.04
CA VAL A 34 -25.39 8.89 -0.26
C VAL A 34 -26.80 8.42 -0.65
N ARG A 35 -27.64 8.11 0.30
CA ARG A 35 -29.04 7.64 0.03
C ARG A 35 -29.99 8.82 -0.21
N ASP A 36 -29.61 10.06 0.09
CA ASP A 36 -30.55 11.22 0.03
C ASP A 36 -30.90 11.54 -1.42
N GLU A 37 -32.07 11.11 -1.91
CA GLU A 37 -32.48 11.36 -3.33
C GLU A 37 -32.78 12.84 -3.58
N THR A 38 -32.86 13.72 -2.57
CA THR A 38 -33.05 15.18 -2.81
C THR A 38 -31.77 15.87 -3.25
N ILE A 39 -30.64 15.18 -3.18
CA ILE A 39 -29.29 15.70 -3.56
C ILE A 39 -28.94 15.06 -4.90
N SER A 40 -28.45 15.83 -5.88
CA SER A 40 -27.99 15.28 -7.18
C SER A 40 -27.07 14.07 -6.93
N PRO A 41 -27.20 13.00 -7.73
CA PRO A 41 -26.33 11.82 -7.59
C PRO A 41 -24.86 12.19 -7.87
N GLU A 42 -24.66 13.19 -8.70
CA GLU A 42 -23.32 13.73 -9.03
C GLU A 42 -22.69 14.31 -7.77
N GLU A 43 -23.48 14.90 -6.86
CA GLU A 43 -22.95 15.46 -5.60
C GLU A 43 -22.68 14.32 -4.64
N ARG A 44 -23.51 13.29 -4.68
CA ARG A 44 -23.39 12.21 -3.66
C ARG A 44 -22.13 11.39 -3.98
N LEU A 45 -21.69 11.39 -5.21
CA LEU A 45 -20.55 10.57 -5.65
C LEU A 45 -19.31 11.44 -5.70
N ILE A 46 -19.32 12.59 -5.03
CA ILE A 46 -18.06 13.38 -4.82
C ILE A 46 -16.99 12.50 -4.17
N LEU A 47 -17.36 11.56 -3.31
CA LEU A 47 -16.38 10.71 -2.59
C LEU A 47 -15.74 9.61 -3.50
N TYR A 48 -16.15 9.46 -4.75
CA TYR A 48 -15.78 8.29 -5.59
C TYR A 48 -14.26 8.20 -5.76
N PRO A 49 -13.52 9.27 -6.10
CA PRO A 49 -12.07 9.13 -6.30
C PRO A 49 -11.30 8.66 -5.06
N CYS A 50 -11.81 8.99 -3.86
CA CYS A 50 -11.28 8.47 -2.58
C CYS A 50 -11.05 6.96 -2.68
N ILE A 51 -11.93 6.25 -3.39
CA ILE A 51 -11.87 4.77 -3.40
C ILE A 51 -10.54 4.35 -4.08
N ALA A 52 -9.96 5.21 -4.89
CA ALA A 52 -8.63 4.95 -5.50
C ALA A 52 -7.61 4.50 -4.45
N ALA A 53 -7.68 4.98 -3.19
CA ALA A 53 -6.68 4.66 -2.15
C ALA A 53 -6.93 3.25 -1.60
N PHE A 54 -8.10 2.65 -1.91
CA PHE A 54 -8.55 1.37 -1.35
C PHE A 54 -8.58 0.27 -2.44
N ALA A 55 -9.14 0.54 -3.62
CA ALA A 55 -9.67 -0.52 -4.52
C ALA A 55 -8.54 -1.43 -5.01
N LEU A 56 -7.37 -0.86 -5.35
CA LEU A 56 -6.20 -1.63 -5.88
C LEU A 56 -5.45 -2.30 -4.73
N ASN A 57 -5.42 -1.69 -3.56
CA ASN A 57 -4.91 -2.35 -2.33
C ASN A 57 -5.77 -3.58 -2.04
N PHE A 58 -7.09 -3.48 -2.20
CA PHE A 58 -7.98 -4.63 -1.95
C PHE A 58 -7.72 -5.75 -2.95
N ARG A 59 -7.58 -5.41 -4.22
CA ARG A 59 -7.16 -6.39 -5.26
C ARG A 59 -5.92 -7.15 -4.78
N ASP A 60 -4.94 -6.45 -4.24
CA ASP A 60 -3.65 -7.07 -3.82
C ASP A 60 -3.87 -7.90 -2.56
N LEU A 61 -4.75 -7.44 -1.65
CA LEU A 61 -5.06 -8.22 -0.44
C LEU A 61 -5.61 -9.60 -0.87
N ASN A 62 -6.53 -9.60 -1.82
CA ASN A 62 -7.20 -10.83 -2.32
C ASN A 62 -6.14 -11.75 -2.97
N ARG A 63 -5.34 -11.17 -3.88
CA ARG A 63 -4.30 -11.90 -4.68
C ARG A 63 -3.20 -12.47 -3.78
N TYR A 64 -2.69 -11.70 -2.83
CA TYR A 64 -1.39 -12.05 -2.18
C TYR A 64 -1.51 -12.33 -0.69
N ASP A 65 -2.50 -11.81 0.04
CA ASP A 65 -2.57 -11.93 1.52
C ASP A 65 -3.55 -13.05 1.90
N TYR A 66 -4.72 -13.07 1.28
CA TYR A 66 -5.82 -13.99 1.62
C TYR A 66 -5.53 -15.33 0.94
N ARG A 67 -5.30 -15.26 -0.37
CA ARG A 67 -5.05 -16.39 -1.30
C ARG A 67 -3.74 -17.09 -0.92
N ASP A 68 -3.77 -18.43 -0.87
CA ASP A 68 -2.59 -19.31 -0.67
C ASP A 68 -2.79 -20.56 -1.54
N ASP A 69 -2.17 -20.57 -2.73
CA ASP A 69 -2.33 -21.62 -3.76
C ASP A 69 -1.74 -22.96 -3.29
N ASN A 70 -0.73 -22.92 -2.38
CA ASN A 70 0.05 -24.10 -1.93
C ASN A 70 -0.47 -24.59 -0.57
N SER A 71 -1.78 -24.83 -0.47
CA SER A 71 -2.46 -25.34 0.75
C SER A 71 -3.43 -26.47 0.38
N SER A 72 -3.51 -27.49 1.25
CA SER A 72 -4.45 -28.63 1.15
C SER A 72 -5.69 -28.38 2.01
N ASP A 73 -5.50 -27.74 3.18
CA ASP A 73 -6.58 -27.36 4.14
C ASP A 73 -7.81 -26.94 3.32
N TYR A 74 -8.99 -27.47 3.68
CA TYR A 74 -10.22 -27.36 2.88
C TYR A 74 -10.78 -25.93 2.99
N TYR A 75 -10.58 -25.25 4.13
CA TYR A 75 -11.06 -23.87 4.38
C TYR A 75 -10.25 -22.89 3.50
N GLN A 76 -8.93 -23.06 3.41
CA GLN A 76 -8.11 -22.20 2.50
C GLN A 76 -8.56 -22.41 1.05
N LYS A 77 -8.90 -23.64 0.66
CA LYS A 77 -9.40 -23.95 -0.72
C LYS A 77 -10.61 -23.07 -1.04
N ILE A 78 -11.55 -22.89 -0.11
CA ILE A 78 -12.78 -22.09 -0.41
C ILE A 78 -12.43 -20.60 -0.38
N ILE A 79 -11.60 -20.17 0.58
CA ILE A 79 -11.06 -18.77 0.62
C ILE A 79 -10.51 -18.40 -0.76
N ASN A 80 -9.63 -19.24 -1.34
CA ASN A 80 -8.97 -19.06 -2.66
C ASN A 80 -10.04 -18.79 -3.75
N ILE A 81 -11.18 -19.48 -3.71
CA ILE A 81 -12.22 -19.32 -4.77
C ILE A 81 -12.87 -17.94 -4.58
N HIS A 82 -13.23 -17.64 -3.35
CA HIS A 82 -13.79 -16.32 -2.93
C HIS A 82 -12.86 -15.19 -3.39
N THR A 83 -11.59 -15.22 -2.99
CA THR A 83 -10.57 -14.17 -3.29
C THR A 83 -10.42 -13.93 -4.79
N GLN A 84 -10.58 -14.97 -5.62
CA GLN A 84 -10.36 -14.84 -7.09
C GLN A 84 -11.45 -13.95 -7.69
N GLU A 85 -12.68 -14.03 -7.20
CA GLU A 85 -13.79 -13.20 -7.76
C GLU A 85 -13.58 -11.73 -7.32
N ASP A 86 -13.32 -11.51 -6.04
CA ASP A 86 -13.15 -10.14 -5.47
C ASP A 86 -11.94 -9.45 -6.08
N ALA A 87 -10.95 -10.21 -6.56
CA ALA A 87 -9.70 -9.65 -7.13
C ALA A 87 -9.96 -9.08 -8.53
N LYS A 88 -11.19 -9.16 -9.08
CA LYS A 88 -11.52 -8.64 -10.43
C LYS A 88 -12.17 -7.26 -10.36
N HIS A 89 -12.65 -6.83 -9.19
CA HIS A 89 -13.55 -5.66 -9.08
C HIS A 89 -12.76 -4.34 -9.25
N TRP A 90 -11.43 -4.31 -9.12
CA TRP A 90 -10.68 -3.05 -9.32
C TRP A 90 -10.90 -2.51 -10.72
N GLU A 91 -11.02 -3.39 -11.72
CA GLU A 91 -11.22 -2.96 -13.11
C GLU A 91 -12.57 -2.26 -13.20
N TRP A 92 -13.57 -2.75 -12.49
CA TRP A 92 -14.91 -2.08 -12.48
C TRP A 92 -14.76 -0.66 -11.90
N PHE A 93 -14.02 -0.55 -10.81
CA PHE A 93 -13.68 0.78 -10.21
C PHE A 93 -13.15 1.69 -11.30
N LEU A 94 -12.18 1.22 -12.09
CA LEU A 94 -11.52 2.10 -13.09
C LEU A 94 -12.51 2.44 -14.20
N ASN A 95 -13.41 1.50 -14.53
CA ASN A 95 -14.50 1.73 -15.54
C ASN A 95 -15.36 2.93 -15.09
N ASP A 96 -15.87 2.91 -13.85
CA ASP A 96 -16.81 3.95 -13.39
C ASP A 96 -16.04 5.23 -13.09
N LEU A 97 -14.75 5.15 -12.73
CA LEU A 97 -13.92 6.37 -12.56
C LEU A 97 -14.02 7.20 -13.82
N GLU A 98 -13.82 6.53 -14.96
CA GLU A 98 -13.88 7.20 -16.27
C GLU A 98 -15.31 7.73 -16.53
N LEU A 99 -16.35 6.93 -16.35
CA LEU A 99 -17.73 7.35 -16.73
C LEU A 99 -18.15 8.60 -15.94
N LEU A 100 -17.73 8.67 -14.67
CA LEU A 100 -18.13 9.78 -13.76
C LEU A 100 -17.33 11.03 -14.04
N GLY A 101 -16.34 11.00 -14.95
CA GLY A 101 -15.54 12.20 -15.31
C GLY A 101 -14.42 12.46 -14.30
N PHE A 102 -14.09 11.47 -13.46
CA PHE A 102 -13.05 11.56 -12.41
C PHE A 102 -11.71 11.00 -12.90
N ASP A 103 -11.63 10.52 -14.13
CA ASP A 103 -10.33 10.01 -14.64
C ASP A 103 -9.56 11.19 -15.25
N LYS A 104 -9.25 12.23 -14.47
CA LYS A 104 -8.78 13.51 -15.03
C LYS A 104 -7.27 13.39 -15.36
N THR A 105 -6.79 14.27 -16.22
CA THR A 105 -5.35 14.36 -16.56
C THR A 105 -4.71 15.21 -15.46
N MET A 106 -3.55 14.78 -14.99
CA MET A 106 -2.88 15.44 -13.87
C MET A 106 -1.40 15.03 -13.96
N ARG A 107 -0.59 15.73 -13.20
CA ARG A 107 0.83 15.33 -12.99
C ARG A 107 0.86 14.02 -12.22
N PHE A 108 1.78 13.15 -12.59
CA PHE A 108 2.06 11.91 -11.85
C PHE A 108 2.13 12.23 -10.34
N SER A 109 2.82 13.31 -9.96
CA SER A 109 3.03 13.60 -8.53
C SER A 109 1.69 13.98 -7.89
N GLU A 110 0.76 14.59 -8.61
CA GLU A 110 -0.57 14.97 -8.05
C GLU A 110 -1.40 13.72 -7.79
N ALA A 111 -1.29 12.70 -8.64
CA ALA A 111 -1.90 11.37 -8.44
C ALA A 111 -1.31 10.74 -7.18
N LEU A 112 0.03 10.78 -7.03
CA LEU A 112 0.66 10.17 -5.86
C LEU A 112 0.23 10.96 -4.60
N ARG A 113 0.30 12.27 -4.63
CA ARG A 113 -0.04 13.08 -3.44
C ARG A 113 -1.51 12.86 -3.06
N PHE A 114 -2.36 12.57 -4.02
CA PHE A 114 -3.81 12.27 -3.76
C PHE A 114 -3.95 10.95 -3.00
N VAL A 115 -3.49 9.82 -3.55
CA VAL A 115 -3.56 8.50 -2.89
C VAL A 115 -2.94 8.55 -1.49
N TRP A 116 -1.74 9.13 -1.32
CA TRP A 116 -1.05 9.16 -0.02
C TRP A 116 -1.45 10.43 0.76
N SER A 117 -2.55 11.09 0.39
CA SER A 117 -3.14 12.20 1.19
C SER A 117 -3.24 11.78 2.68
N ASP A 118 -2.97 12.69 3.62
CA ASP A 118 -3.15 12.40 5.06
C ASP A 118 -4.69 12.31 5.31
N ASP A 119 -5.48 12.86 4.42
CA ASP A 119 -6.98 12.83 4.54
C ASP A 119 -7.52 11.48 4.08
N LEU A 120 -6.68 10.60 3.51
CA LEU A 120 -7.10 9.23 3.08
C LEU A 120 -6.26 8.15 3.76
N LEU A 121 -5.59 8.50 4.86
CA LEU A 121 -4.80 7.56 5.69
C LEU A 121 -5.59 6.27 5.99
N HIS A 122 -6.79 6.38 6.58
CA HIS A 122 -7.53 5.17 7.05
C HIS A 122 -8.11 4.42 5.85
N THR A 123 -8.40 5.13 4.79
CA THR A 123 -8.82 4.49 3.55
C THR A 123 -7.66 3.68 2.99
N ARG A 124 -6.49 4.31 2.96
CA ARG A 124 -5.29 3.73 2.30
C ARG A 124 -4.75 2.54 3.08
N ARG A 125 -4.82 2.57 4.39
CA ARG A 125 -4.22 1.54 5.28
C ARG A 125 -5.21 0.46 5.72
N LEU A 126 -6.49 0.51 5.34
CA LEU A 126 -7.48 -0.51 5.72
C LEU A 126 -6.90 -1.88 5.33
N CYS A 127 -6.52 -2.07 4.07
CA CYS A 127 -6.05 -3.39 3.59
C CYS A 127 -4.76 -3.80 4.30
N HIS A 128 -3.86 -2.84 4.54
CA HIS A 128 -2.60 -3.04 5.30
C HIS A 128 -2.92 -3.60 6.69
N ASN A 129 -3.84 -2.94 7.39
CA ASN A 129 -4.30 -3.37 8.73
C ASN A 129 -4.88 -4.79 8.65
N ILE A 130 -5.69 -5.09 7.65
CA ILE A 130 -6.29 -6.45 7.52
C ILE A 130 -5.18 -7.48 7.30
N ALA A 131 -4.25 -7.23 6.38
CA ALA A 131 -3.08 -8.11 6.17
C ALA A 131 -2.31 -8.35 7.47
N VAL A 132 -2.01 -7.34 8.29
CA VAL A 132 -1.21 -7.52 9.53
C VAL A 132 -2.03 -8.36 10.49
N LEU A 133 -3.33 -8.10 10.56
CA LEU A 133 -4.27 -8.83 11.44
C LEU A 133 -4.24 -10.30 11.10
N SER A 134 -4.28 -10.59 9.80
CA SER A 134 -4.73 -11.90 9.29
C SER A 134 -3.55 -12.78 8.90
N HIS A 135 -2.33 -12.28 8.96
CA HIS A 135 -1.17 -13.00 8.35
C HIS A 135 -0.88 -14.29 9.13
N ASP A 136 -1.10 -14.29 10.45
CA ASP A 136 -0.79 -15.42 11.36
C ASP A 136 -2.09 -16.04 11.90
N LEU A 137 -3.15 -16.02 11.11
CA LEU A 137 -4.48 -16.59 11.47
C LEU A 137 -4.66 -17.95 10.79
N GLU A 138 -5.23 -18.93 11.50
CA GLU A 138 -5.72 -20.20 10.88
C GLU A 138 -6.80 -19.85 9.87
N PRO A 139 -6.95 -20.66 8.80
CA PRO A 139 -7.92 -20.39 7.72
C PRO A 139 -9.36 -20.05 8.16
N VAL A 140 -9.82 -20.62 9.27
CA VAL A 140 -11.22 -20.41 9.75
C VAL A 140 -11.30 -19.01 10.37
N MET A 141 -10.24 -18.53 11.02
CA MET A 141 -10.19 -17.14 11.51
C MET A 141 -10.05 -16.21 10.30
N LYS A 142 -9.34 -16.63 9.24
CA LYS A 142 -9.23 -15.83 7.99
C LYS A 142 -10.63 -15.66 7.37
N MET A 143 -11.49 -16.68 7.46
CA MET A 143 -12.84 -16.60 6.87
C MET A 143 -13.67 -15.55 7.61
N VAL A 144 -13.46 -15.39 8.90
CA VAL A 144 -14.23 -14.41 9.72
C VAL A 144 -13.87 -13.01 9.22
N VAL A 145 -12.57 -12.76 9.04
CA VAL A 145 -12.03 -11.49 8.51
C VAL A 145 -12.72 -11.20 7.20
N ILE A 146 -12.70 -12.16 6.26
CA ILE A 146 -13.26 -12.00 4.89
C ILE A 146 -14.76 -11.72 5.05
N GLU A 147 -15.41 -12.42 5.97
CA GLU A 147 -16.89 -12.37 6.11
C GLU A 147 -17.27 -10.98 6.63
N ALA A 148 -16.56 -10.48 7.63
CA ALA A 148 -16.80 -9.15 8.24
C ALA A 148 -16.52 -8.07 7.20
N MET A 149 -15.39 -8.16 6.52
CA MET A 149 -15.02 -7.18 5.48
C MET A 149 -16.04 -7.22 4.33
N GLU A 150 -16.49 -8.40 3.87
CA GLU A 150 -17.49 -8.46 2.79
C GLU A 150 -18.83 -7.88 3.30
N THR A 151 -19.16 -8.00 4.59
CA THR A 151 -20.44 -7.44 5.15
C THR A 151 -20.41 -5.90 5.07
N ALA A 152 -19.30 -5.28 5.49
CA ALA A 152 -19.04 -3.81 5.41
C ALA A 152 -19.09 -3.36 3.95
N GLY A 153 -18.46 -4.11 3.05
CA GLY A 153 -18.51 -3.85 1.61
C GLY A 153 -19.92 -3.80 1.06
N LEU A 154 -20.73 -4.79 1.40
CA LEU A 154 -22.11 -4.88 0.86
C LEU A 154 -22.91 -3.64 1.30
N VAL A 155 -22.75 -3.21 2.54
CA VAL A 155 -23.44 -1.99 3.06
C VAL A 155 -23.03 -0.79 2.23
N ILE A 156 -21.72 -0.60 2.00
CA ILE A 156 -21.22 0.55 1.22
C ILE A 156 -21.81 0.50 -0.19
N PHE A 157 -21.78 -0.64 -0.90
CA PHE A 157 -22.17 -0.70 -2.32
C PHE A 157 -23.71 -0.71 -2.47
N HIS A 158 -24.44 -1.23 -1.51
CA HIS A 158 -25.93 -1.09 -1.45
C HIS A 158 -26.26 0.40 -1.49
N ALA A 159 -25.58 1.21 -0.69
CA ALA A 159 -25.71 2.67 -0.69
C ALA A 159 -25.23 3.33 -1.99
N LEU A 160 -23.96 3.12 -2.43
CA LEU A 160 -23.45 3.88 -3.61
C LEU A 160 -24.18 3.53 -4.91
N ALA A 161 -24.69 2.29 -5.05
CA ALA A 161 -25.44 1.83 -6.24
C ALA A 161 -26.71 2.68 -6.43
N LYS A 162 -27.18 3.36 -5.38
CA LYS A 162 -28.36 4.27 -5.50
C LYS A 162 -28.03 5.46 -6.42
N PRO A 163 -27.11 6.41 -6.05
CA PRO A 163 -26.72 7.47 -6.99
C PRO A 163 -26.14 6.89 -8.31
N GLY A 164 -25.40 5.80 -8.21
CA GLY A 164 -24.76 5.14 -9.37
C GLY A 164 -25.75 4.72 -10.44
N GLU A 165 -26.77 3.94 -10.06
CA GLU A 165 -27.78 3.41 -11.01
C GLU A 165 -28.62 4.58 -11.52
N SER A 166 -28.77 5.65 -10.74
CA SER A 166 -29.46 6.89 -11.17
C SER A 166 -28.69 7.54 -12.33
N ILE A 167 -27.36 7.64 -12.20
CA ILE A 167 -26.59 8.26 -13.29
C ILE A 167 -26.57 7.32 -14.49
N ALA A 168 -26.45 6.04 -14.27
CA ALA A 168 -26.34 5.05 -15.36
C ALA A 168 -27.59 5.13 -16.24
N LYS A 169 -28.76 5.18 -15.61
CA LYS A 169 -30.02 5.22 -16.38
C LYS A 169 -30.15 6.60 -17.05
N ALA A 170 -29.84 7.69 -16.38
CA ALA A 170 -29.98 9.05 -16.95
C ALA A 170 -29.04 9.29 -18.14
N THR A 171 -27.84 8.68 -18.13
CA THR A 171 -26.79 8.87 -19.18
C THR A 171 -26.77 7.70 -20.16
N ARG A 172 -27.52 6.63 -19.87
CA ARG A 172 -27.54 5.36 -20.63
C ARG A 172 -26.10 4.83 -20.77
N ARG A 173 -25.42 4.61 -19.65
CA ARG A 173 -24.09 3.93 -19.63
C ARG A 173 -24.13 2.77 -18.66
N LYS A 174 -23.29 1.78 -18.90
CA LYS A 174 -23.18 0.53 -18.11
C LYS A 174 -22.18 0.76 -16.97
N TYR A 175 -22.63 1.14 -15.77
CA TYR A 175 -21.75 1.21 -14.57
C TYR A 175 -21.55 -0.21 -14.08
N LEU A 176 -20.36 -0.51 -13.56
CA LEU A 176 -19.98 -1.86 -13.11
C LEU A 176 -19.62 -1.87 -11.63
N TYR A 177 -19.29 -0.73 -11.01
CA TYR A 177 -18.73 -0.71 -9.64
C TYR A 177 -19.80 -0.18 -8.67
N VAL A 178 -20.29 1.02 -8.90
CA VAL A 178 -21.41 1.62 -8.11
C VAL A 178 -22.72 1.20 -8.78
N ALA A 179 -22.97 -0.11 -8.75
CA ALA A 179 -23.96 -0.78 -9.62
C ALA A 179 -24.57 -2.00 -8.94
N ASP A 180 -25.85 -2.22 -9.25
CA ASP A 180 -26.61 -3.41 -8.82
C ASP A 180 -25.84 -4.67 -9.18
N SER A 181 -25.22 -4.74 -10.36
CA SER A 181 -24.47 -5.97 -10.77
C SER A 181 -23.33 -6.29 -9.79
N HIS A 182 -22.63 -5.28 -9.25
CA HIS A 182 -21.59 -5.47 -8.19
C HIS A 182 -22.26 -5.93 -6.89
N VAL A 183 -23.36 -5.31 -6.49
CA VAL A 183 -24.09 -5.67 -5.24
C VAL A 183 -24.51 -7.14 -5.33
N GLU A 184 -25.06 -7.53 -6.48
CA GLU A 184 -25.57 -8.90 -6.78
C GLU A 184 -24.43 -9.89 -6.55
N VAL A 185 -23.23 -9.62 -7.09
CA VAL A 185 -22.08 -10.55 -6.96
C VAL A 185 -21.66 -10.64 -5.49
N GLU A 186 -21.67 -9.51 -4.77
CA GLU A 186 -21.30 -9.39 -3.33
C GLU A 186 -22.43 -9.92 -2.44
N THR A 187 -23.67 -9.98 -2.95
CA THR A 187 -24.78 -10.70 -2.28
C THR A 187 -24.41 -12.18 -2.39
N GLY A 188 -24.18 -12.68 -3.60
CA GLY A 188 -23.60 -14.02 -3.87
C GLY A 188 -22.48 -14.41 -2.90
N HIS A 189 -21.81 -13.43 -2.28
CA HIS A 189 -20.71 -13.60 -1.28
C HIS A 189 -21.31 -13.53 0.14
N THR A 198 -23.68 -21.09 4.58
CA THR A 198 -22.19 -20.95 4.59
C THR A 198 -21.57 -22.15 5.31
N ILE A 199 -20.24 -22.25 5.26
CA ILE A 199 -19.47 -23.32 5.96
C ILE A 199 -19.24 -22.88 7.41
N LEU A 200 -19.25 -21.57 7.68
CA LEU A 200 -19.05 -21.00 9.05
C LEU A 200 -20.21 -21.41 9.97
N GLU A 201 -21.40 -21.64 9.39
CA GLU A 201 -22.59 -22.17 10.10
C GLU A 201 -22.23 -23.53 10.73
N GLN A 202 -21.43 -24.32 10.00
CA GLN A 202 -21.19 -25.76 10.21
C GLN A 202 -19.90 -25.97 11.02
N THR A 203 -19.37 -24.90 11.65
CA THR A 203 -18.01 -24.82 12.24
C THR A 203 -18.10 -24.49 13.73
N GLN A 204 -17.20 -25.07 14.54
CA GLN A 204 -17.19 -25.00 16.03
C GLN A 204 -15.92 -24.25 16.44
N LEU A 205 -16.04 -23.23 17.29
CA LEU A 205 -14.90 -22.37 17.74
C LEU A 205 -14.53 -22.76 19.17
N SER A 206 -13.25 -22.77 19.52
CA SER A 206 -12.79 -22.77 20.93
C SER A 206 -13.18 -21.45 21.60
N SER A 207 -13.07 -21.38 22.93
CA SER A 207 -13.11 -20.11 23.71
C SER A 207 -12.08 -19.14 23.12
N GLU A 208 -10.86 -19.62 22.90
CA GLU A 208 -9.73 -18.88 22.26
C GLU A 208 -10.15 -18.38 20.89
N GLN A 209 -10.59 -19.30 20.02
CA GLN A 209 -11.03 -18.98 18.65
C GLN A 209 -12.22 -18.00 18.72
N GLU A 210 -13.08 -18.10 19.74
CA GLU A 210 -14.24 -17.18 19.91
C GLU A 210 -13.72 -15.78 20.28
N GLU A 211 -12.85 -15.67 21.29
CA GLU A 211 -12.28 -14.37 21.72
C GLU A 211 -11.59 -13.68 20.53
N LYS A 212 -10.76 -14.42 19.78
CA LYS A 212 -10.04 -13.89 18.60
C LYS A 212 -11.03 -13.31 17.59
N ALA A 213 -12.10 -14.06 17.28
CA ALA A 213 -13.11 -13.71 16.25
C ALA A 213 -13.82 -12.41 16.66
N LYS A 214 -14.02 -12.20 17.97
CA LYS A 214 -14.61 -10.97 18.53
C LYS A 214 -13.70 -9.77 18.25
N GLU A 215 -12.43 -9.88 18.64
CA GLU A 215 -11.35 -8.91 18.34
C GLU A 215 -11.36 -8.54 16.85
N ILE A 216 -11.47 -9.52 15.94
CA ILE A 216 -11.44 -9.33 14.46
C ILE A 216 -12.64 -8.49 14.05
N VAL A 217 -13.83 -8.95 14.38
CA VAL A 217 -15.10 -8.35 13.86
C VAL A 217 -15.11 -6.88 14.27
N ASN A 218 -14.71 -6.59 15.50
CA ASN A 218 -14.65 -5.21 16.06
C ASN A 218 -13.62 -4.41 15.27
N LYS A 219 -12.43 -4.95 15.03
CA LYS A 219 -11.39 -4.15 14.34
C LYS A 219 -11.85 -3.86 12.90
N VAL A 220 -12.39 -4.84 12.19
CA VAL A 220 -12.78 -4.63 10.76
C VAL A 220 -13.83 -3.54 10.71
N PHE A 221 -14.84 -3.63 11.60
CA PHE A 221 -15.95 -2.64 11.56
C PHE A 221 -15.41 -1.28 12.02
N GLN A 222 -14.44 -1.21 12.92
CA GLN A 222 -13.84 0.08 13.33
C GLN A 222 -13.03 0.65 12.16
N TRP A 223 -12.23 -0.16 11.50
CA TRP A 223 -11.41 0.35 10.37
C TRP A 223 -12.30 0.82 9.22
N SER A 224 -13.41 0.13 8.90
CA SER A 224 -14.37 0.54 7.84
C SER A 224 -15.08 1.83 8.25
N THR A 225 -15.43 1.97 9.53
CA THR A 225 -16.05 3.21 10.11
C THR A 225 -15.09 4.40 9.90
N ASN A 226 -13.79 4.20 10.12
CA ASN A 226 -12.76 5.27 9.96
C ASN A 226 -12.65 5.65 8.49
N LEU A 227 -12.69 4.67 7.57
CA LEU A 227 -12.66 4.94 6.11
C LEU A 227 -13.90 5.77 5.74
N ILE A 228 -15.07 5.36 6.23
CA ILE A 228 -16.34 6.07 5.88
C ILE A 228 -16.26 7.50 6.42
N GLY A 229 -15.70 7.70 7.62
CA GLY A 229 -15.43 9.02 8.21
C GLY A 229 -14.60 9.91 7.29
N GLU A 230 -13.58 9.35 6.61
CA GLU A 230 -12.76 10.13 5.67
C GLU A 230 -13.56 10.48 4.42
N PHE A 231 -14.39 9.56 3.91
CA PHE A 231 -15.24 9.86 2.74
C PHE A 231 -16.15 11.05 3.06
N GLU A 232 -16.75 11.04 4.25
CA GLU A 232 -17.66 12.14 4.69
C GLU A 232 -16.88 13.45 4.77
N ARG A 233 -15.69 13.45 5.38
CA ARG A 233 -14.85 14.67 5.45
C ARG A 233 -14.46 15.14 4.03
N TYR A 234 -14.15 14.20 3.13
CA TYR A 234 -13.73 14.56 1.74
C TYR A 234 -14.90 15.26 1.05
N VAL A 235 -16.12 14.74 1.19
CA VAL A 235 -17.26 15.39 0.48
C VAL A 235 -17.34 16.84 0.93
N LYS A 236 -17.24 17.06 2.23
CA LYS A 236 -17.38 18.42 2.80
C LYS A 236 -16.21 19.32 2.39
N ALA A 237 -15.03 18.75 2.14
CA ALA A 237 -13.81 19.52 1.76
C ALA A 237 -13.84 19.89 0.27
N HIS A 238 -14.58 19.15 -0.55
CA HIS A 238 -14.46 19.18 -2.04
C HIS A 238 -15.85 19.31 -2.61
N ARG A 239 -16.62 20.22 -2.00
CA ARG A 239 -18.08 20.37 -2.25
C ARG A 239 -18.34 20.68 -3.73
N SER A 240 -17.39 21.31 -4.41
CA SER A 240 -17.56 21.82 -5.81
C SER A 240 -17.32 20.67 -6.80
N GLU A 241 -16.55 19.66 -6.41
CA GLU A 241 -15.98 18.65 -7.36
C GLU A 241 -16.98 17.50 -7.59
N LYS A 242 -18.16 17.83 -8.12
CA LYS A 242 -19.24 16.86 -8.44
C LYS A 242 -18.81 16.01 -9.63
N ALA A 243 -19.33 14.79 -9.75
CA ALA A 243 -19.13 13.91 -10.92
C ALA A 243 -19.55 14.70 -12.15
N GLN A 244 -18.89 14.48 -13.28
CA GLN A 244 -19.26 15.12 -14.56
C GLN A 244 -19.47 13.99 -15.56
N PRO A 245 -20.55 13.20 -15.43
CA PRO A 245 -20.80 12.12 -16.39
C PRO A 245 -21.26 12.74 -17.72
N THR A 246 -21.14 11.99 -18.81
CA THR A 246 -21.57 12.43 -20.18
C THR A 246 -22.71 11.50 -20.65
N ALA A 247 -23.75 12.06 -21.30
CA ALA A 247 -24.91 11.29 -21.86
C ALA A 247 -24.56 10.71 -23.23
N ALA A 248 -25.34 9.73 -23.68
CA ALA A 248 -25.27 9.12 -25.03
C ALA A 248 -26.12 9.96 -26.02
N GLY B 10 26.62 -13.83 18.64
CA GLY B 10 25.44 -13.04 19.12
C GLY B 10 25.10 -11.89 18.17
N MET B 11 24.86 -10.69 18.71
CA MET B 11 24.64 -9.42 17.98
C MET B 11 25.81 -9.14 17.03
N LYS B 12 27.01 -9.58 17.39
CA LYS B 12 28.26 -9.42 16.62
C LYS B 12 28.08 -10.05 15.23
N ALA B 13 27.67 -11.33 15.16
CA ALA B 13 27.57 -12.12 13.92
C ALA B 13 26.49 -11.50 13.02
N ILE B 14 25.44 -10.94 13.63
CA ILE B 14 24.27 -10.33 12.92
C ILE B 14 24.79 -9.16 12.06
N LEU B 15 25.56 -8.24 12.64
CA LEU B 15 26.20 -7.11 11.90
C LEU B 15 27.15 -7.66 10.82
N GLN B 16 27.87 -8.74 11.11
CA GLN B 16 28.74 -9.43 10.12
C GLN B 16 27.87 -9.95 8.97
N LEU B 17 26.69 -10.53 9.26
CA LEU B 17 25.76 -11.03 8.22
C LEU B 17 25.31 -9.84 7.36
N ILE B 18 24.89 -8.75 8.01
CA ILE B 18 24.46 -7.51 7.29
C ILE B 18 25.60 -7.09 6.37
N LEU B 19 26.84 -7.06 6.86
CA LEU B 19 28.04 -6.67 6.07
C LEU B 19 28.18 -7.61 4.84
N GLU B 20 28.13 -8.94 5.06
CA GLU B 20 28.24 -9.95 3.98
C GLU B 20 27.14 -9.78 2.93
N LYS B 21 25.87 -9.61 3.38
CA LYS B 21 24.70 -9.36 2.51
C LYS B 21 24.90 -8.06 1.72
N ARG B 22 25.44 -7.01 2.35
CA ARG B 22 25.68 -5.71 1.64
C ARG B 22 26.71 -5.89 0.53
N GLN B 23 27.79 -6.63 0.82
CA GLN B 23 28.87 -6.92 -0.16
C GLN B 23 28.24 -7.64 -1.35
N GLU B 24 27.36 -8.60 -1.07
CA GLU B 24 26.60 -9.33 -2.13
C GLU B 24 25.70 -8.33 -2.89
N PHE B 25 24.89 -7.58 -2.16
CA PHE B 25 23.88 -6.65 -2.73
C PHE B 25 24.56 -5.64 -3.65
N GLU B 26 25.71 -5.09 -3.24
CA GLU B 26 26.45 -4.05 -4.02
C GLU B 26 26.76 -4.50 -5.45
N LYS B 27 26.92 -5.80 -5.69
CA LYS B 27 27.37 -6.30 -7.01
C LYS B 27 26.20 -6.81 -7.87
N LEU B 28 24.95 -6.34 -7.68
CA LEU B 28 23.84 -6.71 -8.60
C LEU B 28 24.02 -5.98 -9.90
N PRO B 29 23.63 -6.62 -11.03
CA PRO B 29 23.73 -6.00 -12.35
C PRO B 29 23.19 -4.58 -12.39
N CYS B 30 21.99 -4.35 -11.84
CA CYS B 30 21.39 -3.00 -11.81
C CYS B 30 22.46 -1.96 -11.44
N PHE B 31 23.21 -2.21 -10.36
CA PHE B 31 24.12 -1.19 -9.75
C PHE B 31 25.37 -1.06 -10.61
N GLU B 32 25.83 -2.14 -11.25
CA GLU B 32 26.92 -2.05 -12.26
C GLU B 32 26.46 -1.10 -13.37
N PHE B 33 25.20 -1.22 -13.80
CA PHE B 33 24.62 -0.37 -14.87
C PHE B 33 24.57 1.08 -14.40
N VAL B 34 24.06 1.31 -13.19
CA VAL B 34 23.83 2.69 -12.66
C VAL B 34 25.17 3.43 -12.47
N ARG B 35 26.21 2.68 -12.16
CA ARG B 35 27.58 3.21 -11.89
C ARG B 35 28.38 3.37 -13.19
N ASP B 36 27.85 2.92 -14.34
CA ASP B 36 28.61 2.85 -15.61
C ASP B 36 28.73 4.23 -16.27
N GLU B 37 29.83 4.95 -16.01
CA GLU B 37 30.01 6.33 -16.53
C GLU B 37 30.15 6.31 -18.06
N THR B 38 30.28 5.14 -18.71
CA THR B 38 30.27 5.09 -20.21
C THR B 38 28.85 5.28 -20.77
N ILE B 39 27.82 5.22 -19.95
CA ILE B 39 26.41 5.46 -20.39
C ILE B 39 25.95 6.79 -19.82
N SER B 40 25.20 7.55 -20.61
CA SER B 40 24.63 8.86 -20.20
C SER B 40 23.90 8.67 -18.86
N PRO B 41 24.02 9.64 -17.95
CA PRO B 41 23.34 9.54 -16.66
C PRO B 41 21.80 9.53 -16.83
N GLU B 42 21.29 10.15 -17.88
CA GLU B 42 19.84 10.18 -18.19
C GLU B 42 19.34 8.74 -18.39
N GLU B 43 20.15 7.85 -18.97
CA GLU B 43 19.73 6.46 -19.24
C GLU B 43 19.86 5.63 -17.97
N ARG B 44 20.85 5.95 -17.14
CA ARG B 44 21.11 5.17 -15.91
C ARG B 44 19.97 5.45 -14.89
N LEU B 45 19.24 6.53 -15.08
CA LEU B 45 18.11 6.90 -14.18
C LEU B 45 16.77 6.56 -14.83
N ILE B 46 16.71 5.66 -15.82
CA ILE B 46 15.33 5.38 -16.32
C ILE B 46 14.53 4.57 -15.28
N LEU B 47 15.14 3.86 -14.32
CA LEU B 47 14.40 3.16 -13.25
C LEU B 47 13.69 4.19 -12.36
N TYR B 48 14.01 5.48 -12.41
CA TYR B 48 13.61 6.44 -11.35
C TYR B 48 12.10 6.38 -11.07
N PRO B 49 11.21 6.49 -12.07
CA PRO B 49 9.76 6.48 -11.78
C PRO B 49 9.25 5.19 -11.09
N CYS B 50 9.93 4.06 -11.20
CA CYS B 50 9.62 2.81 -10.44
C CYS B 50 9.57 3.07 -8.93
N ILE B 51 10.38 4.02 -8.45
CA ILE B 51 10.54 4.20 -6.98
C ILE B 51 9.21 4.77 -6.45
N ALA B 52 8.38 5.31 -7.33
CA ALA B 52 7.02 5.79 -6.96
C ALA B 52 6.23 4.71 -6.22
N ALA B 53 6.43 3.43 -6.54
CA ALA B 53 5.72 2.31 -5.88
C ALA B 53 6.26 2.08 -4.48
N PHE B 54 7.41 2.67 -4.13
CA PHE B 54 8.12 2.39 -2.87
C PHE B 54 8.15 3.65 -1.98
N ALA B 55 8.46 4.82 -2.52
CA ALA B 55 8.95 5.96 -1.66
C ALA B 55 7.87 6.40 -0.67
N LEU B 56 6.63 6.48 -1.13
CA LEU B 56 5.50 6.96 -0.27
C LEU B 56 5.05 5.86 0.72
N ASN B 57 5.08 4.58 0.33
CA ASN B 57 4.90 3.41 1.23
C ASN B 57 5.91 3.44 2.36
N PHE B 58 7.13 3.84 2.02
CA PHE B 58 8.23 3.84 2.98
C PHE B 58 8.01 4.96 3.98
N ARG B 59 7.59 6.11 3.50
CA ARG B 59 7.13 7.25 4.37
C ARG B 59 6.15 6.69 5.39
N ASP B 60 5.12 5.97 4.92
CA ASP B 60 4.04 5.46 5.81
C ASP B 60 4.57 4.38 6.74
N LEU B 61 5.49 3.50 6.30
CA LEU B 61 6.11 2.51 7.21
C LEU B 61 6.74 3.25 8.41
N ASN B 62 7.44 4.34 8.14
CA ASN B 62 8.19 5.10 9.18
C ASN B 62 7.19 5.80 10.10
N ARG B 63 6.21 6.47 9.52
CA ARG B 63 5.23 7.31 10.29
C ARG B 63 4.36 6.41 11.18
N TYR B 64 3.90 5.27 10.66
CA TYR B 64 2.75 4.53 11.22
C TYR B 64 3.14 3.15 11.74
N ASP B 65 4.15 2.45 11.20
CA ASP B 65 4.49 1.07 11.63
C ASP B 65 5.64 1.11 12.62
N TYR B 66 6.73 1.81 12.27
CA TYR B 66 7.99 1.77 13.06
C TYR B 66 7.82 2.62 14.33
N ARG B 67 7.13 3.76 14.22
CA ARG B 67 7.09 4.80 15.27
C ARG B 67 6.09 4.42 16.37
N ASP B 68 6.44 4.72 17.64
CA ASP B 68 5.60 4.49 18.83
C ASP B 68 6.01 5.52 19.88
N ASP B 69 5.31 6.65 19.91
CA ASP B 69 5.79 7.88 20.58
C ASP B 69 5.78 7.63 22.10
N ASN B 70 4.78 6.87 22.58
CA ASN B 70 4.56 6.55 24.01
C ASN B 70 5.38 5.32 24.41
N SER B 71 6.71 5.41 24.34
CA SER B 71 7.63 4.29 24.68
C SER B 71 8.84 4.85 25.42
N SER B 72 9.23 4.18 26.51
CA SER B 72 10.45 4.54 27.31
C SER B 72 11.57 3.59 26.92
N ASP B 73 11.30 2.59 26.08
CA ASP B 73 12.31 1.59 25.65
C ASP B 73 13.43 2.34 24.90
N TYR B 74 14.65 2.21 25.40
CA TYR B 74 15.89 2.81 24.84
C TYR B 74 15.87 2.72 23.30
N TYR B 75 15.67 1.50 22.78
CA TYR B 75 15.79 1.18 21.34
C TYR B 75 14.66 1.84 20.54
N GLN B 76 13.45 1.86 21.08
CA GLN B 76 12.27 2.47 20.41
C GLN B 76 12.48 3.98 20.31
N LYS B 77 13.04 4.61 21.34
CA LYS B 77 13.34 6.08 21.36
C LYS B 77 14.35 6.39 20.26
N ILE B 78 15.33 5.51 20.08
CA ILE B 78 16.33 5.64 18.98
C ILE B 78 15.59 5.50 17.64
N ILE B 79 14.76 4.47 17.50
CA ILE B 79 13.96 4.24 16.26
C ILE B 79 13.11 5.48 15.97
N ASN B 80 12.43 6.06 16.95
CA ASN B 80 11.52 7.23 16.76
C ASN B 80 12.25 8.38 16.08
N ILE B 81 13.42 8.74 16.61
CA ILE B 81 14.23 9.86 16.06
C ILE B 81 14.61 9.53 14.60
N HIS B 82 15.05 8.30 14.40
CA HIS B 82 15.51 7.78 13.07
C HIS B 82 14.36 7.92 12.06
N THR B 83 13.20 7.38 12.43
CA THR B 83 12.00 7.32 11.56
C THR B 83 11.56 8.72 11.18
N GLN B 84 11.67 9.68 12.10
CA GLN B 84 11.27 11.09 11.84
C GLN B 84 12.09 11.64 10.68
N GLU B 85 13.40 11.37 10.64
CA GLU B 85 14.22 11.82 9.49
C GLU B 85 13.80 11.04 8.22
N ASP B 86 13.75 9.72 8.28
CA ASP B 86 13.49 8.92 7.04
C ASP B 86 12.10 9.27 6.47
N ALA B 87 11.14 9.69 7.30
CA ALA B 87 9.78 10.03 6.85
C ALA B 87 9.75 11.35 6.05
N LYS B 88 10.85 12.10 5.94
CA LYS B 88 10.85 13.36 5.15
C LYS B 88 11.31 13.15 3.71
N HIS B 89 11.91 11.99 3.38
CA HIS B 89 12.65 11.79 2.11
C HIS B 89 11.71 11.63 0.93
N TRP B 90 10.42 11.31 1.17
CA TRP B 90 9.48 11.22 0.03
C TRP B 90 9.37 12.55 -0.71
N GLU B 91 9.48 13.69 -0.03
CA GLU B 91 9.36 15.00 -0.71
C GLU B 91 10.57 15.21 -1.66
N TRP B 92 11.72 14.74 -1.25
CA TRP B 92 12.97 14.73 -2.07
C TRP B 92 12.70 13.88 -3.33
N PHE B 93 12.11 12.71 -3.17
CA PHE B 93 11.72 11.85 -4.31
C PHE B 93 10.88 12.68 -5.29
N LEU B 94 9.83 13.35 -4.81
CA LEU B 94 8.96 14.15 -5.70
C LEU B 94 9.67 15.35 -6.31
N ASN B 95 10.55 16.02 -5.57
CA ASN B 95 11.45 17.07 -6.11
C ASN B 95 12.22 16.58 -7.35
N ASP B 96 12.92 15.46 -7.25
CA ASP B 96 13.81 14.99 -8.32
C ASP B 96 13.00 14.35 -9.45
N LEU B 97 11.83 13.80 -9.13
CA LEU B 97 10.91 13.30 -10.22
C LEU B 97 10.65 14.45 -11.19
N GLU B 98 10.34 15.62 -10.66
CA GLU B 98 10.10 16.83 -11.47
C GLU B 98 11.37 17.22 -12.27
N LEU B 99 12.50 17.37 -11.60
CA LEU B 99 13.77 17.80 -12.25
C LEU B 99 14.16 16.83 -13.37
N LEU B 100 13.95 15.52 -13.17
CA LEU B 100 14.33 14.49 -14.17
C LEU B 100 13.37 14.42 -15.35
N GLY B 101 12.29 15.22 -15.37
CA GLY B 101 11.32 15.21 -16.48
C GLY B 101 10.36 14.03 -16.40
N PHE B 102 10.30 13.32 -15.27
CA PHE B 102 9.46 12.11 -15.11
C PHE B 102 8.10 12.45 -14.53
N ASP B 103 7.88 13.70 -14.10
CA ASP B 103 6.56 14.12 -13.56
C ASP B 103 5.59 14.49 -14.71
N LYS B 104 5.20 13.53 -15.51
CA LYS B 104 4.47 13.82 -16.75
C LYS B 104 2.98 13.88 -16.40
N THR B 105 2.22 14.53 -17.27
CA THR B 105 0.75 14.60 -17.20
C THR B 105 0.21 13.27 -17.78
N MET B 106 -0.73 12.66 -17.06
CA MET B 106 -1.32 11.38 -17.49
C MET B 106 -2.73 11.37 -16.94
N ARG B 107 -3.47 10.37 -17.32
CA ARG B 107 -4.80 10.11 -16.70
C ARG B 107 -4.54 9.55 -15.30
N PHE B 108 -5.36 9.95 -14.34
CA PHE B 108 -5.36 9.38 -12.98
C PHE B 108 -5.19 7.88 -13.09
N SER B 109 -6.00 7.21 -13.93
CA SER B 109 -6.02 5.73 -14.02
C SER B 109 -4.65 5.21 -14.49
N GLU B 110 -3.98 5.93 -15.39
CA GLU B 110 -2.60 5.54 -15.86
C GLU B 110 -1.59 5.56 -14.69
N ALA B 111 -1.64 6.58 -13.83
CA ALA B 111 -0.88 6.64 -12.57
C ALA B 111 -1.17 5.41 -11.68
N LEU B 112 -2.43 5.00 -11.47
CA LEU B 112 -2.80 3.90 -10.57
C LEU B 112 -2.26 2.60 -11.20
N ARG B 113 -2.43 2.44 -12.50
CA ARG B 113 -2.08 1.16 -13.19
C ARG B 113 -0.54 1.05 -13.19
N PHE B 114 0.15 2.17 -13.21
CA PHE B 114 1.65 2.20 -13.15
C PHE B 114 2.08 1.68 -11.78
N VAL B 115 1.63 2.36 -10.72
CA VAL B 115 2.00 1.98 -9.35
C VAL B 115 1.61 0.53 -9.03
N TRP B 116 0.41 0.07 -9.41
CA TRP B 116 -0.10 -1.26 -9.08
C TRP B 116 0.23 -2.27 -10.21
N SER B 117 1.18 -1.91 -11.10
CA SER B 117 1.76 -2.82 -12.14
C SER B 117 2.18 -4.14 -11.51
N ASP B 118 1.99 -5.27 -12.20
CA ASP B 118 2.51 -6.58 -11.75
C ASP B 118 4.06 -6.54 -11.83
N ASP B 119 4.59 -5.68 -12.70
CA ASP B 119 6.05 -5.51 -12.93
C ASP B 119 6.67 -4.78 -11.73
N LEU B 120 5.86 -4.19 -10.85
CA LEU B 120 6.38 -3.50 -9.64
C LEU B 120 5.83 -4.13 -8.36
N LEU B 121 5.37 -5.38 -8.42
CA LEU B 121 4.85 -6.12 -7.25
C LEU B 121 5.83 -6.12 -6.08
N HIS B 122 7.11 -6.53 -6.27
CA HIS B 122 8.07 -6.68 -5.16
C HIS B 122 8.46 -5.30 -4.63
N THR B 123 8.50 -4.31 -5.50
CA THR B 123 8.79 -2.88 -5.17
C THR B 123 7.65 -2.35 -4.31
N ARG B 124 6.43 -2.62 -4.74
CA ARG B 124 5.24 -2.05 -4.08
C ARG B 124 5.05 -2.69 -2.70
N ARG B 125 5.35 -3.96 -2.54
CA ARG B 125 5.00 -4.71 -1.32
C ARG B 125 6.17 -4.85 -0.36
N LEU B 126 7.36 -4.35 -0.70
CA LEU B 126 8.52 -4.44 0.22
C LEU B 126 8.14 -3.88 1.60
N CYS B 127 7.53 -2.71 1.65
CA CYS B 127 7.16 -2.05 2.93
C CYS B 127 6.10 -2.89 3.66
N HIS B 128 5.16 -3.45 2.90
CA HIS B 128 4.09 -4.32 3.43
C HIS B 128 4.73 -5.54 4.10
N ASN B 129 5.61 -6.23 3.38
CA ASN B 129 6.37 -7.38 3.93
C ASN B 129 7.12 -6.97 5.19
N ILE B 130 7.76 -5.82 5.21
CA ILE B 130 8.50 -5.38 6.42
C ILE B 130 7.53 -5.12 7.59
N ALA B 131 6.38 -4.48 7.33
CA ALA B 131 5.33 -4.25 8.35
C ALA B 131 4.90 -5.59 8.95
N VAL B 132 4.60 -6.57 8.11
CA VAL B 132 4.10 -7.90 8.56
C VAL B 132 5.20 -8.55 9.42
N LEU B 133 6.45 -8.51 8.95
CA LEU B 133 7.63 -9.12 9.62
C LEU B 133 7.84 -8.45 11.00
N SER B 134 7.68 -7.13 11.08
CA SER B 134 8.12 -6.38 12.28
C SER B 134 6.96 -6.17 13.27
N HIS B 135 5.71 -6.50 12.95
CA HIS B 135 4.54 -5.97 13.72
C HIS B 135 4.57 -6.52 15.17
N ASP B 136 5.07 -7.74 15.39
CA ASP B 136 5.09 -8.41 16.72
C ASP B 136 6.43 -8.26 17.42
N LEU B 137 7.47 -7.74 16.75
CA LEU B 137 8.87 -7.73 17.29
C LEU B 137 8.98 -6.72 18.44
N GLU B 138 9.71 -7.09 19.48
CA GLU B 138 10.24 -6.16 20.51
C GLU B 138 11.16 -5.14 19.84
N PRO B 139 11.34 -3.92 20.39
CA PRO B 139 12.16 -2.88 19.75
C PRO B 139 13.62 -3.25 19.38
N VAL B 140 14.33 -4.02 20.19
CA VAL B 140 15.71 -4.44 19.81
C VAL B 140 15.65 -5.19 18.47
N MET B 141 14.57 -5.93 18.19
CA MET B 141 14.53 -6.78 16.98
C MET B 141 14.09 -5.93 15.78
N LYS B 142 13.20 -4.96 16.00
CA LYS B 142 12.83 -3.93 14.99
C LYS B 142 14.12 -3.23 14.54
N MET B 143 15.08 -3.03 15.45
CA MET B 143 16.35 -2.30 15.16
C MET B 143 17.13 -3.09 14.10
N VAL B 144 17.11 -4.42 14.22
CA VAL B 144 17.75 -5.31 13.22
C VAL B 144 17.05 -5.10 11.86
N VAL B 145 15.71 -5.16 11.82
CA VAL B 145 14.93 -4.92 10.57
C VAL B 145 15.38 -3.59 9.98
N ILE B 146 15.37 -2.54 10.79
CA ILE B 146 15.65 -1.16 10.31
C ILE B 146 17.11 -1.08 9.82
N GLU B 147 18.07 -1.64 10.55
CA GLU B 147 19.51 -1.57 10.16
C GLU B 147 19.72 -2.25 8.81
N ALA B 148 19.09 -3.41 8.59
CA ALA B 148 19.17 -4.17 7.32
C ALA B 148 18.68 -3.29 6.18
N MET B 149 17.44 -2.80 6.33
CA MET B 149 16.76 -1.98 5.32
C MET B 149 17.59 -0.70 5.05
N GLU B 150 18.09 -0.06 6.09
CA GLU B 150 18.87 1.21 5.92
C GLU B 150 20.17 0.92 5.20
N THR B 151 20.77 -0.24 5.46
CA THR B 151 22.03 -0.67 4.79
C THR B 151 21.77 -0.87 3.29
N ALA B 152 20.70 -1.59 2.93
CA ALA B 152 20.28 -1.76 1.51
C ALA B 152 19.99 -0.40 0.90
N GLY B 153 19.26 0.47 1.59
CA GLY B 153 19.00 1.85 1.13
C GLY B 153 20.29 2.59 0.74
N LEU B 154 21.28 2.50 1.59
CA LEU B 154 22.57 3.24 1.44
C LEU B 154 23.26 2.70 0.17
N VAL B 155 23.25 1.38 -0.03
CA VAL B 155 23.86 0.79 -1.26
C VAL B 155 23.19 1.40 -2.47
N ILE B 156 21.85 1.40 -2.52
CA ILE B 156 21.11 1.94 -3.68
C ILE B 156 21.45 3.40 -3.90
N PHE B 157 21.42 4.22 -2.86
CA PHE B 157 21.52 5.68 -3.03
C PHE B 157 23.00 6.07 -3.29
N HIS B 158 23.92 5.32 -2.73
CA HIS B 158 25.36 5.47 -3.09
C HIS B 158 25.49 5.36 -4.62
N ALA B 159 24.85 4.34 -5.24
CA ALA B 159 24.83 4.14 -6.69
C ALA B 159 24.08 5.24 -7.41
N LEU B 160 22.81 5.52 -7.04
CA LEU B 160 21.99 6.45 -7.81
C LEU B 160 22.55 7.88 -7.77
N ALA B 161 23.19 8.27 -6.68
CA ALA B 161 23.80 9.61 -6.57
C ALA B 161 24.91 9.83 -7.62
N LYS B 162 25.46 8.78 -8.24
CA LYS B 162 26.56 8.95 -9.26
C LYS B 162 26.00 9.62 -10.52
N PRO B 163 24.97 9.06 -11.22
CA PRO B 163 24.32 9.78 -12.31
C PRO B 163 23.55 11.00 -11.80
N GLY B 164 22.96 10.91 -10.59
CA GLY B 164 22.23 12.02 -9.96
C GLY B 164 23.07 13.30 -9.94
N GLU B 165 24.31 13.21 -9.47
CA GLU B 165 25.15 14.42 -9.22
C GLU B 165 25.78 14.86 -10.55
N SER B 166 26.04 13.92 -11.46
CA SER B 166 26.45 14.27 -12.83
C SER B 166 25.38 15.15 -13.48
N ILE B 167 24.09 14.81 -13.35
CA ILE B 167 22.99 15.66 -13.91
C ILE B 167 22.86 17.01 -13.15
N ALA B 168 22.97 17.01 -11.82
CA ALA B 168 22.86 18.22 -10.98
C ALA B 168 23.93 19.25 -11.40
N LYS B 169 25.18 18.80 -11.55
CA LYS B 169 26.32 19.66 -11.93
C LYS B 169 26.09 20.17 -13.37
N ALA B 170 25.75 19.27 -14.28
CA ALA B 170 25.58 19.63 -15.71
C ALA B 170 24.42 20.63 -15.92
N THR B 171 23.32 20.52 -15.16
CA THR B 171 22.08 21.33 -15.34
C THR B 171 22.05 22.51 -14.37
N ARG B 172 22.96 22.56 -13.39
CA ARG B 172 23.04 23.59 -12.32
C ARG B 172 21.72 23.62 -11.52
N ARG B 173 21.23 22.47 -11.08
CA ARG B 173 20.02 22.35 -10.23
C ARG B 173 20.33 21.52 -9.00
N LYS B 174 19.60 21.76 -7.92
CA LYS B 174 19.83 21.07 -6.64
C LYS B 174 18.99 19.80 -6.62
N TYR B 175 19.60 18.63 -6.79
CA TYR B 175 18.94 17.31 -6.59
C TYR B 175 18.97 16.97 -5.11
N LEU B 176 17.89 16.37 -4.60
CA LEU B 176 17.75 16.08 -3.15
C LEU B 176 17.65 14.58 -2.86
N TYR B 177 17.27 13.76 -3.83
CA TYR B 177 16.97 12.34 -3.56
C TYR B 177 18.12 11.47 -4.11
N VAL B 178 18.42 11.62 -5.38
CA VAL B 178 19.53 10.86 -6.02
C VAL B 178 20.78 11.76 -5.97
N ALA B 179 21.22 12.03 -4.76
CA ALA B 179 22.15 13.12 -4.42
C ALA B 179 22.95 12.78 -3.16
N ASP B 180 24.17 13.32 -3.10
CA ASP B 180 25.11 13.05 -1.99
C ASP B 180 24.49 13.47 -0.65
N SER B 181 23.67 14.52 -0.63
CA SER B 181 23.05 15.06 0.61
C SER B 181 22.13 14.00 1.25
N HIS B 182 21.39 13.24 0.41
CA HIS B 182 20.59 12.08 0.87
C HIS B 182 21.51 10.95 1.36
N VAL B 183 22.56 10.64 0.61
CA VAL B 183 23.55 9.61 1.03
C VAL B 183 24.15 10.03 2.37
N GLU B 184 24.43 11.32 2.57
CA GLU B 184 25.02 11.77 3.85
C GLU B 184 24.08 11.42 5.02
N VAL B 185 22.76 11.63 4.88
CA VAL B 185 21.78 11.29 5.95
C VAL B 185 21.79 9.78 6.18
N GLU B 186 21.80 9.00 5.11
CA GLU B 186 21.63 7.52 5.19
C GLU B 186 22.91 6.91 5.75
N THR B 187 24.06 7.59 5.59
CA THR B 187 25.37 7.14 6.15
C THR B 187 25.30 7.16 7.67
N GLY B 188 24.85 8.29 8.23
CA GLY B 188 24.46 8.38 9.65
C GLY B 188 23.58 7.20 10.09
N HIS B 189 22.57 6.84 9.30
CA HIS B 189 21.53 5.82 9.66
C HIS B 189 22.00 4.36 9.50
N ALA B 190 22.91 4.06 8.58
CA ALA B 190 23.28 2.68 8.17
C ALA B 190 24.63 2.32 8.80
N GLU B 201 23.74 -1.73 17.93
CA GLU B 201 24.80 -1.48 18.94
C GLU B 201 25.33 -2.83 19.45
N GLN B 202 26.06 -2.83 20.56
CA GLN B 202 26.42 -4.07 21.29
C GLN B 202 25.30 -4.41 22.28
N THR B 203 24.55 -5.47 21.97
CA THR B 203 23.47 -6.05 22.80
C THR B 203 23.69 -7.57 22.87
N GLN B 204 23.17 -8.22 23.91
CA GLN B 204 23.16 -9.70 24.05
C GLN B 204 21.75 -10.21 23.74
N LEU B 205 21.64 -11.11 22.75
CA LEU B 205 20.37 -11.70 22.26
C LEU B 205 20.27 -13.13 22.77
N SER B 206 19.11 -13.56 23.28
CA SER B 206 18.82 -15.00 23.45
C SER B 206 19.24 -15.72 22.16
N SER B 207 19.49 -17.03 22.23
CA SER B 207 19.76 -17.85 21.03
C SER B 207 18.53 -17.78 20.11
N GLU B 208 17.32 -17.70 20.69
CA GLU B 208 16.03 -17.60 19.95
C GLU B 208 16.03 -16.28 19.15
N GLN B 209 16.59 -15.23 19.72
CA GLN B 209 16.64 -13.90 19.05
C GLN B 209 17.69 -13.92 17.95
N GLU B 210 18.87 -14.46 18.22
CA GLU B 210 19.96 -14.54 17.21
C GLU B 210 19.37 -15.22 15.96
N GLU B 211 18.55 -16.25 16.15
CA GLU B 211 17.96 -17.06 15.05
C GLU B 211 16.95 -16.20 14.29
N LYS B 212 16.05 -15.53 15.00
CA LYS B 212 15.05 -14.60 14.41
C LYS B 212 15.78 -13.49 13.62
N ALA B 213 16.80 -12.88 14.22
CA ALA B 213 17.62 -11.81 13.60
C ALA B 213 18.22 -12.29 12.29
N LYS B 214 18.71 -13.53 12.21
CA LYS B 214 19.33 -14.04 10.96
C LYS B 214 18.24 -14.19 9.91
N GLU B 215 17.05 -14.64 10.29
CA GLU B 215 15.90 -14.76 9.37
C GLU B 215 15.54 -13.35 8.86
N ILE B 216 15.48 -12.37 9.76
CA ILE B 216 15.19 -10.94 9.41
C ILE B 216 16.18 -10.42 8.37
N VAL B 217 17.48 -10.55 8.59
CA VAL B 217 18.50 -10.02 7.63
C VAL B 217 18.36 -10.74 6.29
N ASN B 218 18.19 -12.07 6.31
CA ASN B 218 18.01 -12.83 5.06
C ASN B 218 16.76 -12.34 4.31
N LYS B 219 15.63 -12.20 4.99
CA LYS B 219 14.39 -11.75 4.29
C LYS B 219 14.55 -10.33 3.70
N VAL B 220 15.00 -9.35 4.48
CA VAL B 220 15.14 -7.95 3.98
C VAL B 220 16.03 -7.91 2.74
N PHE B 221 17.19 -8.56 2.76
CA PHE B 221 18.09 -8.52 1.58
C PHE B 221 17.49 -9.33 0.42
N GLN B 222 16.68 -10.35 0.68
CA GLN B 222 16.00 -11.09 -0.40
C GLN B 222 14.94 -10.18 -1.04
N TRP B 223 14.13 -9.49 -0.23
CA TRP B 223 13.04 -8.63 -0.77
C TRP B 223 13.64 -7.42 -1.44
N SER B 224 14.76 -6.88 -0.92
CA SER B 224 15.47 -5.75 -1.59
C SER B 224 16.03 -6.21 -2.94
N THR B 225 16.61 -7.42 -2.99
CA THR B 225 17.17 -8.02 -4.24
C THR B 225 16.05 -8.16 -5.28
N ASN B 226 14.85 -8.59 -4.86
CA ASN B 226 13.65 -8.74 -5.73
C ASN B 226 13.22 -7.38 -6.32
N LEU B 227 13.28 -6.34 -5.50
CA LEU B 227 12.94 -4.98 -5.95
C LEU B 227 13.95 -4.54 -7.01
N ILE B 228 15.23 -4.75 -6.74
CA ILE B 228 16.28 -4.33 -7.70
C ILE B 228 16.09 -5.10 -9.03
N GLY B 229 15.79 -6.40 -8.91
CA GLY B 229 15.37 -7.25 -10.05
C GLY B 229 14.32 -6.57 -10.90
N GLU B 230 13.24 -6.03 -10.30
CA GLU B 230 12.19 -5.32 -11.06
C GLU B 230 12.68 -4.06 -11.75
N PHE B 231 13.51 -3.26 -11.08
CA PHE B 231 14.14 -2.07 -11.69
C PHE B 231 14.92 -2.54 -12.93
N GLU B 232 15.72 -3.60 -12.78
CA GLU B 232 16.55 -4.13 -13.90
C GLU B 232 15.64 -4.45 -15.11
N ARG B 233 14.56 -5.19 -14.88
CA ARG B 233 13.56 -5.58 -15.92
C ARG B 233 12.92 -4.34 -16.53
N TYR B 234 12.52 -3.36 -15.72
CA TYR B 234 11.88 -2.12 -16.20
C TYR B 234 12.82 -1.38 -17.13
N VAL B 235 14.10 -1.22 -16.72
CA VAL B 235 15.12 -0.49 -17.53
C VAL B 235 15.22 -1.18 -18.89
N LYS B 236 15.27 -2.51 -18.90
CA LYS B 236 15.41 -3.26 -20.18
C LYS B 236 14.17 -2.95 -21.04
N ALA B 237 12.97 -3.02 -20.47
CA ALA B 237 11.69 -2.92 -21.21
C ALA B 237 11.40 -1.47 -21.64
N HIS B 238 11.95 -0.46 -20.95
CA HIS B 238 11.70 0.97 -21.24
C HIS B 238 13.04 1.69 -21.51
N ARG B 239 13.95 1.03 -22.21
CA ARG B 239 15.36 1.47 -22.41
C ARG B 239 15.44 2.84 -23.10
N SER B 240 14.43 3.24 -23.88
CA SER B 240 14.39 4.55 -24.59
C SER B 240 13.85 5.66 -23.66
N GLU B 241 13.29 5.33 -22.49
CA GLU B 241 12.55 6.33 -21.69
C GLU B 241 13.53 6.99 -20.73
N LYS B 242 14.54 7.66 -21.28
CA LYS B 242 15.61 8.24 -20.43
C LYS B 242 15.07 9.52 -19.81
N ALA B 243 15.66 9.91 -18.69
CA ALA B 243 15.35 11.20 -18.03
C ALA B 243 15.49 12.32 -19.06
N GLN B 244 14.72 13.38 -18.87
CA GLN B 244 14.74 14.58 -19.73
C GLN B 244 14.84 15.81 -18.84
N PRO B 245 15.97 15.98 -18.14
CA PRO B 245 16.23 17.19 -17.36
C PRO B 245 16.43 18.39 -18.29
N THR B 246 16.21 19.61 -17.83
CA THR B 246 16.60 20.82 -18.60
C THR B 246 17.58 21.62 -17.73
N ALA B 247 18.52 22.30 -18.42
CA ALA B 247 19.69 23.02 -17.87
C ALA B 247 19.22 24.13 -16.91
FE FE2 C . -16.44 -5.98 -4.93
FE FE2 D . -16.88 -10.10 -2.54
OXT 67I E . -14.99 -4.50 -5.20
C 67I E . -14.63 -3.88 -4.18
O 67I E . -13.61 -3.10 -4.18
CA 67I E . -15.52 -3.98 -2.92
N 67I E . -16.62 -4.91 -3.16
CB 67I E . -14.81 -4.52 -1.79
CG 67I E . -14.96 -3.91 -0.34
CD2 67I E . -14.85 -2.65 0.14
CE3 67I E . -14.73 -1.41 -0.43
CZ3 67I E . -14.66 -0.25 0.39
BR1 67I E . -14.53 1.40 -0.46
CH2 67I E . -14.76 -0.41 1.75
CZ2 67I E . -14.84 -1.65 2.28
BR2 67I E . -14.90 -1.87 4.20
CE2 67I E . -14.92 -2.73 1.45
NE1 67I E . -14.98 -4.01 1.80
CD1 67I E . -15.02 -4.75 0.68
NI NI F . 1.89 -11.50 13.56
FE FE2 G . 16.15 8.15 2.57
FE FE2 H . 17.50 6.51 6.90
OXT 67I I . 13.18 6.61 0.25
C 67I I . 14.27 6.85 0.89
O 67I I . 14.52 7.98 1.39
CA 67I I . 15.34 5.71 1.02
N 67I I . 16.60 6.22 1.60
CB 67I I . 14.91 4.52 1.85
CG 67I I . 15.22 3.03 1.43
CD2 67I I . 15.09 2.42 0.24
CE3 67I I . 14.67 2.77 -0.99
CZ3 67I I . 14.55 1.82 -2.07
BR1 67I I . 14.09 2.31 -3.72
CH2 67I I . 14.91 0.55 -1.76
CZ2 67I I . 15.29 0.21 -0.50
BR2 67I I . 15.69 -1.63 0.06
CE2 67I I . 15.40 1.13 0.47
NE1 67I I . 15.68 0.93 1.71
CD1 67I I . 15.62 2.15 2.33
#